data_2EGG
#
_entry.id   2EGG
#
_cell.length_a   171.394
_cell.length_b   171.394
_cell.length_c   171.394
_cell.angle_alpha   90.00
_cell.angle_beta   90.00
_cell.angle_gamma   90.00
#
_symmetry.space_group_name_H-M   'I 2 3'
#
loop_
_entity.id
_entity.type
_entity.pdbx_description
1 polymer 'Shikimate 5-dehydrogenase'
2 non-polymer 'CHLORIDE ION'
3 water water
#
_entity_poly.entity_id   1
_entity_poly.type   'polypeptide(L)'
_entity_poly.pdbx_seq_one_letter_code
;MGSSHHHHHHSSGENLYFQGHMEKVYGLIGFPVEHSLSPLMHNDAFARLGIPARYHLFSVEPGQVGAAIAGVRALGIAGV
NVTIPHKLAVIPFLDEVDEHARRIGAVNTIINNDGRLVGYNTDGLGYVQALEEEMNITLDGKRILVIGAGGGARGIYFSL
LSTAAERIDMANRTVEKAERLVREGDERRSAYFSLAEAETRLAEYDIIINTTSVGMHPRVEVQPLSLERLRPGVIVSDII
YNPLETKWLKEAKARGARVQNGVGMLVYQGALAFEKWTGQWPDVNRMKQLVIEALRR
;
_entity_poly.pdbx_strand_id   A,B
#
# COMPACT_ATOMS: atom_id res chain seq x y z
N GLY A 20 -9.51 -22.76 -5.23
CA GLY A 20 -8.81 -21.54 -4.75
C GLY A 20 -9.40 -20.28 -5.35
N HIS A 21 -9.35 -19.17 -4.61
CA HIS A 21 -9.90 -17.91 -5.08
C HIS A 21 -8.82 -16.90 -5.45
N MET A 22 -9.20 -16.02 -6.36
CA MET A 22 -8.35 -14.96 -6.86
C MET A 22 -8.08 -13.93 -5.75
N GLU A 23 -6.81 -13.71 -5.44
CA GLU A 23 -6.48 -12.73 -4.41
C GLU A 23 -6.63 -11.34 -5.00
N LYS A 24 -7.15 -10.40 -4.21
CA LYS A 24 -7.26 -9.03 -4.70
C LYS A 24 -5.94 -8.36 -4.35
N VAL A 25 -5.57 -7.35 -5.12
CA VAL A 25 -4.31 -6.66 -4.86
C VAL A 25 -4.47 -5.27 -4.28
N TYR A 26 -3.76 -5.02 -3.18
CA TYR A 26 -3.75 -3.72 -2.53
C TYR A 26 -2.29 -3.35 -2.40
N GLY A 27 -2.01 -2.11 -2.00
CA GLY A 27 -0.64 -1.71 -1.85
C GLY A 27 -0.48 -0.24 -1.54
N LEU A 28 0.77 0.21 -1.50
CA LEU A 28 1.09 1.59 -1.20
C LEU A 28 1.91 2.17 -2.35
N ILE A 29 1.57 3.37 -2.81
CA ILE A 29 2.37 4.02 -3.83
C ILE A 29 3.01 5.22 -3.17
N GLY A 30 4.25 5.52 -3.56
CA GLY A 30 4.96 6.62 -2.95
C GLY A 30 6.41 6.55 -3.39
N PHE A 31 7.24 7.42 -2.85
CA PHE A 31 8.65 7.47 -3.23
C PHE A 31 9.41 8.06 -2.05
N PRO A 32 9.99 7.22 -1.18
CA PRO A 32 10.00 5.75 -1.21
C PRO A 32 8.80 5.10 -0.53
N VAL A 33 8.78 3.76 -0.56
CA VAL A 33 7.72 2.99 0.05
C VAL A 33 8.23 1.83 0.92
N GLU A 34 9.49 1.42 0.73
CA GLU A 34 10.04 0.26 1.45
C GLU A 34 9.98 0.27 2.98
N HIS A 35 9.94 1.44 3.59
CA HIS A 35 9.89 1.56 5.04
C HIS A 35 8.51 1.25 5.64
N SER A 36 7.49 1.18 4.79
CA SER A 36 6.13 0.97 5.28
C SER A 36 5.86 -0.25 6.15
N LEU A 37 4.98 -0.06 7.13
CA LEU A 37 4.56 -1.12 8.04
C LEU A 37 3.18 -1.60 7.68
N SER A 38 2.59 -1.00 6.65
CA SER A 38 1.25 -1.39 6.20
C SER A 38 1.19 -2.85 5.77
N PRO A 39 2.19 -3.33 5.02
CA PRO A 39 2.14 -4.73 4.59
C PRO A 39 2.11 -5.63 5.82
N LEU A 40 2.98 -5.34 6.76
CA LEU A 40 3.05 -6.10 8.01
C LEU A 40 1.65 -6.20 8.61
N MET A 41 1.03 -5.05 8.80
CA MET A 41 -0.31 -4.98 9.37
C MET A 41 -1.42 -5.61 8.54
N HIS A 42 -1.53 -5.19 7.28
CA HIS A 42 -2.62 -5.69 6.42
C HIS A 42 -2.55 -7.16 6.03
N ASN A 43 -1.36 -7.66 5.70
CA ASN A 43 -1.24 -9.05 5.31
C ASN A 43 -1.58 -9.99 6.47
N ASP A 44 -1.28 -9.57 7.70
CA ASP A 44 -1.60 -10.39 8.87
C ASP A 44 -3.10 -10.39 9.09
N ALA A 45 -3.72 -9.24 8.84
CA ALA A 45 -5.16 -9.09 9.01
C ALA A 45 -5.93 -9.89 7.96
N PHE A 46 -5.45 -9.87 6.72
CA PHE A 46 -6.09 -10.62 5.64
C PHE A 46 -6.06 -12.11 6.03
N ALA A 47 -4.95 -12.54 6.62
CA ALA A 47 -4.78 -13.94 7.04
C ALA A 47 -5.69 -14.30 8.20
N ARG A 48 -5.71 -13.48 9.23
CA ARG A 48 -6.54 -13.74 10.40
C ARG A 48 -8.03 -13.74 10.07
N LEU A 49 -8.44 -12.97 9.07
CA LEU A 49 -9.85 -12.89 8.70
C LEU A 49 -10.25 -13.74 7.49
N GLY A 50 -9.30 -14.48 6.94
CA GLY A 50 -9.62 -15.30 5.78
C GLY A 50 -10.00 -14.49 4.56
N ILE A 51 -9.23 -13.45 4.27
CA ILE A 51 -9.53 -12.61 3.10
C ILE A 51 -8.51 -12.87 1.99
N PRO A 52 -8.99 -13.23 0.80
CA PRO A 52 -8.14 -13.51 -0.37
C PRO A 52 -7.49 -12.22 -0.88
N ALA A 53 -6.40 -11.79 -0.26
CA ALA A 53 -5.76 -10.56 -0.71
C ALA A 53 -4.35 -10.38 -0.18
N ARG A 54 -3.61 -9.45 -0.78
CA ARG A 54 -2.26 -9.17 -0.34
C ARG A 54 -1.93 -7.70 -0.58
N TYR A 55 -1.21 -7.12 0.37
CA TYR A 55 -0.83 -5.72 0.33
C TYR A 55 0.64 -5.64 -0.10
N HIS A 56 0.90 -4.88 -1.16
CA HIS A 56 2.24 -4.74 -1.68
C HIS A 56 2.76 -3.32 -1.68
N LEU A 57 4.02 -3.16 -2.08
CA LEU A 57 4.68 -1.86 -2.12
C LEU A 57 5.04 -1.46 -3.56
N PHE A 58 4.57 -0.30 -3.98
CA PHE A 58 4.84 0.17 -5.34
C PHE A 58 5.56 1.52 -5.36
N SER A 59 6.85 1.50 -5.68
CA SER A 59 7.61 2.73 -5.77
C SER A 59 7.17 3.44 -7.05
N VAL A 60 6.80 4.69 -6.92
CA VAL A 60 6.33 5.50 -8.04
C VAL A 60 7.11 6.81 -8.03
N GLU A 61 7.85 7.06 -9.10
CA GLU A 61 8.64 8.27 -9.18
C GLU A 61 7.77 9.47 -9.48
N PRO A 62 8.15 10.64 -8.95
CA PRO A 62 7.39 11.85 -9.20
C PRO A 62 7.32 12.00 -10.72
N GLY A 63 6.13 12.22 -11.26
CA GLY A 63 5.99 12.36 -12.71
C GLY A 63 5.61 11.06 -13.38
N GLN A 64 5.46 10.03 -12.58
CA GLN A 64 5.10 8.70 -13.07
C GLN A 64 3.73 8.37 -12.42
N VAL A 65 3.16 9.34 -11.72
CA VAL A 65 1.89 9.14 -11.02
C VAL A 65 0.70 8.86 -11.94
N GLY A 66 0.60 9.59 -13.04
CA GLY A 66 -0.50 9.36 -13.96
C GLY A 66 -0.46 7.96 -14.54
N ALA A 67 0.74 7.46 -14.81
CA ALA A 67 0.89 6.12 -15.38
C ALA A 67 0.55 5.06 -14.33
N ALA A 68 0.92 5.32 -13.07
CA ALA A 68 0.64 4.37 -12.00
C ALA A 68 -0.85 4.30 -11.76
N ILE A 69 -1.53 5.45 -11.72
CA ILE A 69 -2.97 5.42 -11.49
C ILE A 69 -3.66 4.72 -12.64
N ALA A 70 -3.21 5.01 -13.86
CA ALA A 70 -3.79 4.38 -15.04
C ALA A 70 -3.53 2.88 -14.91
N GLY A 71 -2.43 2.53 -14.27
CA GLY A 71 -2.12 1.12 -14.08
C GLY A 71 -3.08 0.49 -13.11
N VAL A 72 -3.37 1.22 -12.03
CA VAL A 72 -4.29 0.72 -11.02
C VAL A 72 -5.63 0.39 -11.66
N ARG A 73 -6.13 1.28 -12.51
CA ARG A 73 -7.41 1.05 -13.18
C ARG A 73 -7.36 -0.14 -14.12
N ALA A 74 -6.36 -0.13 -15.01
CA ALA A 74 -6.20 -1.18 -16.01
C ALA A 74 -5.94 -2.57 -15.46
N LEU A 75 -5.09 -2.67 -14.43
CA LEU A 75 -4.75 -3.94 -13.84
C LEU A 75 -5.81 -4.43 -12.85
N GLY A 76 -6.73 -3.55 -12.47
CA GLY A 76 -7.78 -3.94 -11.53
C GLY A 76 -7.34 -4.01 -10.08
N ILE A 77 -6.29 -3.27 -9.73
CA ILE A 77 -5.82 -3.25 -8.35
C ILE A 77 -6.98 -2.71 -7.51
N ALA A 78 -7.32 -3.44 -6.45
CA ALA A 78 -8.47 -3.10 -5.60
C ALA A 78 -8.38 -1.79 -4.85
N GLY A 79 -7.19 -1.46 -4.38
CA GLY A 79 -7.01 -0.22 -3.65
C GLY A 79 -5.56 0.02 -3.29
N VAL A 80 -5.22 1.27 -3.03
CA VAL A 80 -3.86 1.62 -2.64
C VAL A 80 -3.87 2.79 -1.69
N ASN A 81 -2.87 2.81 -0.81
CA ASN A 81 -2.69 3.92 0.11
C ASN A 81 -1.71 4.81 -0.67
N VAL A 82 -1.64 6.08 -0.29
CA VAL A 82 -0.75 7.02 -0.96
C VAL A 82 0.05 7.75 0.11
N THR A 83 1.34 7.90 -0.11
CA THR A 83 2.15 8.60 0.87
C THR A 83 3.10 9.56 0.16
N ILE A 84 4.02 10.16 0.90
CA ILE A 84 4.97 11.13 0.33
C ILE A 84 5.65 10.61 -0.92
N PRO A 85 5.72 11.44 -1.97
CA PRO A 85 5.22 12.82 -2.12
C PRO A 85 4.04 12.89 -3.09
N HIS A 86 3.17 11.89 -3.06
CA HIS A 86 2.06 11.83 -4.01
C HIS A 86 0.66 12.14 -3.51
N LYS A 87 0.52 12.47 -2.22
CA LYS A 87 -0.82 12.72 -1.68
C LYS A 87 -1.63 13.82 -2.36
N LEU A 88 -0.95 14.77 -2.99
CA LEU A 88 -1.65 15.84 -3.70
C LEU A 88 -1.66 15.46 -5.18
N ALA A 89 -0.51 15.02 -5.67
CA ALA A 89 -0.36 14.64 -7.07
C ALA A 89 -1.36 13.61 -7.62
N VAL A 90 -1.87 12.70 -6.79
CA VAL A 90 -2.82 11.71 -7.32
C VAL A 90 -4.22 12.25 -7.58
N ILE A 91 -4.58 13.34 -6.91
CA ILE A 91 -5.93 13.87 -7.04
C ILE A 91 -6.49 14.05 -8.46
N PRO A 92 -5.73 14.64 -9.40
CA PRO A 92 -6.24 14.83 -10.76
C PRO A 92 -6.62 13.53 -11.46
N PHE A 93 -6.04 12.42 -11.01
CA PHE A 93 -6.30 11.13 -11.63
C PHE A 93 -7.42 10.35 -10.96
N LEU A 94 -8.04 10.94 -9.96
CA LEU A 94 -9.13 10.27 -9.26
C LEU A 94 -10.47 10.75 -9.77
N ASP A 95 -11.44 9.84 -9.81
CA ASP A 95 -12.75 10.17 -10.30
C ASP A 95 -13.52 10.97 -9.27
N GLU A 96 -13.17 10.78 -8.01
CA GLU A 96 -13.85 11.49 -6.95
C GLU A 96 -13.00 11.55 -5.69
N VAL A 97 -13.13 12.63 -4.94
CA VAL A 97 -12.39 12.79 -3.70
C VAL A 97 -13.36 13.14 -2.57
N ASP A 98 -13.26 12.40 -1.48
CA ASP A 98 -14.13 12.61 -0.32
C ASP A 98 -14.00 14.04 0.17
N GLU A 99 -15.09 14.58 0.71
CA GLU A 99 -15.12 15.96 1.19
C GLU A 99 -14.06 16.28 2.24
N HIS A 100 -13.84 15.36 3.17
CA HIS A 100 -12.84 15.57 4.21
C HIS A 100 -11.44 15.64 3.60
N ALA A 101 -11.17 14.79 2.62
CA ALA A 101 -9.87 14.77 1.96
C ALA A 101 -9.69 16.02 1.09
N ARG A 102 -10.77 16.47 0.46
CA ARG A 102 -10.70 17.67 -0.36
C ARG A 102 -10.33 18.86 0.53
N ARG A 103 -10.94 18.92 1.70
CA ARG A 103 -10.67 20.01 2.63
C ARG A 103 -9.22 19.98 3.09
N ILE A 104 -8.72 18.80 3.41
CA ILE A 104 -7.33 18.66 3.84
C ILE A 104 -6.46 19.00 2.64
N GLY A 105 -6.84 18.48 1.48
CA GLY A 105 -6.08 18.73 0.28
C GLY A 105 -5.04 17.64 0.07
N ALA A 106 -5.37 16.42 0.49
CA ALA A 106 -4.46 15.29 0.34
C ALA A 106 -5.22 13.99 0.45
N VAL A 107 -4.81 12.99 -0.32
CA VAL A 107 -5.45 11.67 -0.29
C VAL A 107 -4.42 10.62 0.16
N ASN A 108 -4.78 9.78 1.12
CA ASN A 108 -3.84 8.72 1.54
C ASN A 108 -4.44 7.33 1.37
N THR A 109 -5.69 7.29 0.90
CA THR A 109 -6.40 6.05 0.68
C THR A 109 -7.28 6.14 -0.56
N ILE A 110 -7.07 5.22 -1.49
CA ILE A 110 -7.86 5.18 -2.74
C ILE A 110 -8.57 3.84 -2.85
N ILE A 111 -9.86 3.85 -3.17
CA ILE A 111 -10.54 2.58 -3.37
C ILE A 111 -10.94 2.52 -4.84
N ASN A 112 -10.71 1.37 -5.46
CA ASN A 112 -11.03 1.18 -6.87
C ASN A 112 -12.36 0.44 -7.00
N ASN A 113 -13.43 1.18 -7.29
CA ASN A 113 -14.74 0.57 -7.45
C ASN A 113 -14.97 0.19 -8.92
N ASP A 114 -14.44 -0.96 -9.30
CA ASP A 114 -14.56 -1.47 -10.65
C ASP A 114 -14.29 -0.40 -11.72
N GLY A 115 -13.15 0.28 -11.61
CA GLY A 115 -12.81 1.30 -12.58
C GLY A 115 -12.94 2.74 -12.13
N ARG A 116 -13.74 2.98 -11.11
CA ARG A 116 -13.92 4.35 -10.61
C ARG A 116 -13.13 4.50 -9.31
N LEU A 117 -12.18 5.42 -9.31
CA LEU A 117 -11.32 5.63 -8.15
C LEU A 117 -11.79 6.74 -7.21
N VAL A 118 -11.98 6.39 -5.94
CA VAL A 118 -12.42 7.36 -4.94
C VAL A 118 -11.35 7.53 -3.86
N GLY A 119 -10.99 8.77 -3.56
CA GLY A 119 -9.96 9.02 -2.57
C GLY A 119 -10.47 9.51 -1.22
N TYR A 120 -9.80 9.07 -0.15
CA TYR A 120 -10.14 9.43 1.22
C TYR A 120 -8.87 9.78 1.96
N ASN A 121 -9.02 10.33 3.17
CA ASN A 121 -7.88 10.66 4.01
C ASN A 121 -8.23 10.23 5.42
N THR A 122 -7.49 9.25 5.93
CA THR A 122 -7.73 8.70 7.26
C THR A 122 -6.99 9.37 8.41
N ASP A 123 -6.21 10.41 8.12
CA ASP A 123 -5.45 11.09 9.16
C ASP A 123 -6.27 11.50 10.38
N GLY A 124 -7.24 12.37 10.16
CA GLY A 124 -8.06 12.86 11.25
C GLY A 124 -8.78 11.83 12.09
N LEU A 125 -9.60 10.99 11.46
CA LEU A 125 -10.33 9.96 12.20
C LEU A 125 -9.40 8.93 12.84
N GLY A 126 -8.28 8.65 12.17
CA GLY A 126 -7.35 7.68 12.72
C GLY A 126 -6.90 8.19 14.07
N TYR A 127 -6.41 9.43 14.09
CA TYR A 127 -5.93 10.03 15.32
C TYR A 127 -7.01 10.09 16.40
N VAL A 128 -8.13 10.69 16.05
CA VAL A 128 -9.22 10.84 17.00
C VAL A 128 -9.70 9.52 17.60
N GLN A 129 -10.00 8.55 16.74
CA GLN A 129 -10.48 7.26 17.23
C GLN A 129 -9.47 6.57 18.13
N ALA A 130 -8.19 6.72 17.82
CA ALA A 130 -7.16 6.09 18.64
C ALA A 130 -7.05 6.78 20.00
N LEU A 131 -7.23 8.09 20.00
CA LEU A 131 -7.14 8.88 21.23
C LEU A 131 -8.26 8.51 22.19
N GLU A 132 -9.49 8.53 21.68
CA GLU A 132 -10.65 8.20 22.49
C GLU A 132 -10.60 6.79 23.05
N GLU A 133 -10.15 5.83 22.23
CA GLU A 133 -10.07 4.45 22.68
C GLU A 133 -8.90 4.17 23.61
N GLU A 134 -7.70 4.57 23.21
CA GLU A 134 -6.52 4.33 24.03
C GLU A 134 -6.56 5.06 25.38
N MET A 135 -7.15 6.25 25.42
CA MET A 135 -7.20 7.02 26.65
C MET A 135 -8.56 6.94 27.31
N ASN A 136 -9.47 6.19 26.69
CA ASN A 136 -10.82 6.03 27.21
C ASN A 136 -11.38 7.37 27.65
N ILE A 137 -11.67 8.22 26.68
CA ILE A 137 -12.23 9.53 26.97
C ILE A 137 -13.17 9.94 25.86
N THR A 138 -13.96 10.96 26.13
CA THR A 138 -14.86 11.52 25.14
C THR A 138 -14.22 12.89 24.95
N LEU A 139 -14.39 13.51 23.79
CA LEU A 139 -13.77 14.82 23.58
C LEU A 139 -14.67 15.95 24.06
N ASP A 140 -15.88 15.60 24.50
CA ASP A 140 -16.84 16.58 25.01
C ASP A 140 -16.20 17.55 25.98
N GLY A 141 -16.42 18.84 25.74
CA GLY A 141 -15.89 19.88 26.62
C GLY A 141 -14.39 19.96 26.82
N LYS A 142 -13.63 19.12 26.13
CA LYS A 142 -12.18 19.17 26.27
C LYS A 142 -11.59 20.43 25.64
N ARG A 143 -10.56 20.99 26.27
CA ARG A 143 -9.88 22.17 25.75
C ARG A 143 -8.62 21.57 25.16
N ILE A 144 -8.49 21.66 23.83
CA ILE A 144 -7.38 21.05 23.10
C ILE A 144 -6.46 22.06 22.41
N LEU A 145 -5.16 21.77 22.45
CA LEU A 145 -4.16 22.61 21.81
C LEU A 145 -3.42 21.73 20.82
N VAL A 146 -3.43 22.12 19.55
CA VAL A 146 -2.71 21.38 18.52
C VAL A 146 -1.46 22.17 18.20
N ILE A 147 -0.32 21.51 18.21
CA ILE A 147 0.95 22.16 17.92
C ILE A 147 1.40 21.83 16.52
N GLY A 148 1.66 22.86 15.72
CA GLY A 148 2.08 22.66 14.34
C GLY A 148 0.89 22.89 13.44
N ALA A 149 1.11 23.48 12.27
CA ALA A 149 0.02 23.75 11.35
C ALA A 149 0.30 23.21 9.95
N GLY A 150 1.03 22.10 9.89
CA GLY A 150 1.37 21.52 8.61
C GLY A 150 0.38 20.47 8.12
N GLY A 151 0.73 19.81 7.02
CA GLY A 151 -0.14 18.79 6.46
C GLY A 151 -0.50 17.73 7.47
N GLY A 152 0.43 17.41 8.36
CA GLY A 152 0.18 16.40 9.37
C GLY A 152 -0.81 16.82 10.45
N ALA A 153 -1.18 18.09 10.45
CA ALA A 153 -2.11 18.62 11.44
C ALA A 153 -3.49 18.96 10.92
N ARG A 154 -3.61 19.15 9.62
CA ARG A 154 -4.89 19.54 9.02
C ARG A 154 -5.99 18.53 9.27
N GLY A 155 -5.71 17.25 9.01
CA GLY A 155 -6.71 16.22 9.23
C GLY A 155 -7.16 16.13 10.68
N ILE A 156 -6.19 16.12 11.59
CA ILE A 156 -6.45 16.06 13.03
C ILE A 156 -7.27 17.30 13.45
N TYR A 157 -6.84 18.47 13.00
CA TYR A 157 -7.53 19.70 13.33
C TYR A 157 -8.98 19.69 12.87
N PHE A 158 -9.20 19.37 11.59
CA PHE A 158 -10.56 19.37 11.05
C PHE A 158 -11.45 18.31 11.71
N SER A 159 -10.91 17.14 11.99
CA SER A 159 -11.70 16.10 12.64
C SER A 159 -12.05 16.51 14.08
N LEU A 160 -11.12 17.18 14.75
CA LEU A 160 -11.37 17.62 16.13
C LEU A 160 -12.51 18.64 16.15
N LEU A 161 -12.57 19.49 15.14
CA LEU A 161 -13.62 20.50 15.04
C LEU A 161 -14.99 19.84 14.95
N SER A 162 -15.02 18.60 14.45
CA SER A 162 -16.28 17.89 14.30
C SER A 162 -16.74 17.21 15.59
N THR A 163 -15.92 17.27 16.63
CA THR A 163 -16.28 16.66 17.90
C THR A 163 -16.94 17.72 18.76
N ALA A 164 -17.23 17.38 20.02
CA ALA A 164 -17.86 18.33 20.93
C ALA A 164 -16.82 18.98 21.85
N ALA A 165 -15.58 19.01 21.41
CA ALA A 165 -14.52 19.61 22.20
C ALA A 165 -14.92 21.05 22.53
N GLU A 166 -14.44 21.56 23.65
CA GLU A 166 -14.76 22.91 24.08
C GLU A 166 -14.04 23.85 23.12
N ARG A 167 -12.78 23.57 22.86
CA ARG A 167 -12.04 24.40 21.92
C ARG A 167 -10.83 23.68 21.37
N ILE A 168 -10.42 24.11 20.17
CA ILE A 168 -9.29 23.52 19.50
C ILE A 168 -8.40 24.65 19.07
N ASP A 169 -7.39 24.96 19.87
CA ASP A 169 -6.50 26.04 19.52
C ASP A 169 -5.32 25.50 18.73
N MET A 170 -4.60 26.40 18.06
CA MET A 170 -3.46 25.98 17.27
C MET A 170 -2.24 26.86 17.45
N ALA A 171 -1.10 26.22 17.67
CA ALA A 171 0.15 26.93 17.86
C ALA A 171 1.13 26.51 16.79
N ASN A 172 1.93 27.47 16.31
CA ASN A 172 2.92 27.17 15.28
C ASN A 172 4.05 28.19 15.34
N ARG A 173 5.27 27.77 15.01
CA ARG A 173 6.41 28.68 15.05
C ARG A 173 6.13 29.94 14.23
N THR A 174 5.56 29.77 13.05
CA THR A 174 5.22 30.92 12.23
C THR A 174 3.70 31.06 12.39
N VAL A 175 3.31 31.93 13.30
CA VAL A 175 1.92 32.16 13.65
C VAL A 175 0.96 32.40 12.50
N GLU A 176 1.45 32.96 11.39
CA GLU A 176 0.56 33.24 10.27
C GLU A 176 0.02 31.96 9.62
N LYS A 177 0.81 30.89 9.60
CA LYS A 177 0.35 29.65 9.01
C LYS A 177 -0.80 29.09 9.84
N ALA A 178 -0.67 29.18 11.16
CA ALA A 178 -1.72 28.70 12.07
C ALA A 178 -2.98 29.53 11.88
N GLU A 179 -2.77 30.85 11.73
CA GLU A 179 -3.89 31.77 11.54
C GLU A 179 -4.67 31.40 10.30
N ARG A 180 -3.95 31.11 9.22
CA ARG A 180 -4.58 30.72 7.96
C ARG A 180 -5.41 29.45 8.14
N LEU A 181 -4.87 28.48 8.86
CA LEU A 181 -5.58 27.23 9.11
C LEU A 181 -6.79 27.43 10.01
N VAL A 182 -6.66 28.30 11.01
CA VAL A 182 -7.77 28.56 11.92
C VAL A 182 -8.92 29.22 11.16
N ARG A 183 -8.58 30.05 10.17
CA ARG A 183 -9.59 30.72 9.36
C ARG A 183 -10.37 29.68 8.58
N GLU A 184 -9.71 28.59 8.21
CA GLU A 184 -10.35 27.50 7.48
C GLU A 184 -11.26 26.75 8.45
N GLY A 185 -11.02 26.96 9.74
CA GLY A 185 -11.80 26.29 10.76
C GLY A 185 -13.02 27.03 11.29
N ASP A 186 -13.15 27.03 12.61
CA ASP A 186 -14.29 27.66 13.28
C ASP A 186 -14.06 29.12 13.68
N GLU A 187 -13.06 29.35 14.52
CA GLU A 187 -12.72 30.68 15.03
C GLU A 187 -13.61 31.08 16.21
N ARG A 188 -14.55 30.21 16.55
CA ARG A 188 -15.44 30.45 17.68
C ARG A 188 -14.93 29.60 18.83
N ARG A 189 -14.34 28.46 18.48
CA ARG A 189 -13.77 27.53 19.46
C ARG A 189 -12.29 27.37 19.19
N SER A 190 -11.75 28.15 18.28
CA SER A 190 -10.33 28.02 17.94
C SER A 190 -9.62 29.34 17.68
N ALA A 191 -8.46 29.47 18.31
CA ALA A 191 -7.61 30.66 18.18
C ALA A 191 -6.21 30.20 17.81
N TYR A 192 -5.45 31.10 17.18
CA TYR A 192 -4.09 30.80 16.76
C TYR A 192 -3.06 31.49 17.65
N PHE A 193 -1.99 30.79 17.96
CA PHE A 193 -0.94 31.33 18.82
C PHE A 193 0.44 30.98 18.29
N SER A 194 1.45 31.68 18.81
CA SER A 194 2.83 31.41 18.45
C SER A 194 3.22 30.35 19.49
N LEU A 195 4.33 29.66 19.29
CA LEU A 195 4.72 28.65 20.26
C LEU A 195 4.95 29.31 21.61
N ALA A 196 5.54 30.51 21.59
CA ALA A 196 5.82 31.26 22.81
C ALA A 196 4.55 31.54 23.59
N GLU A 197 3.52 32.02 22.89
CA GLU A 197 2.24 32.32 23.54
C GLU A 197 1.63 31.04 24.13
N ALA A 198 1.71 29.96 23.35
CA ALA A 198 1.14 28.68 23.77
C ALA A 198 1.74 28.17 25.06
N GLU A 199 3.06 28.33 25.21
CA GLU A 199 3.74 27.88 26.42
C GLU A 199 3.27 28.63 27.66
N THR A 200 3.00 29.93 27.52
CA THR A 200 2.55 30.72 28.66
C THR A 200 1.16 30.30 29.10
N ARG A 201 0.30 29.94 28.14
CA ARG A 201 -1.06 29.53 28.49
C ARG A 201 -1.28 28.03 28.43
N LEU A 202 -0.20 27.28 28.53
CA LEU A 202 -0.27 25.82 28.47
C LEU A 202 -1.20 25.19 29.51
N ALA A 203 -1.44 25.90 30.60
CA ALA A 203 -2.31 25.38 31.67
C ALA A 203 -3.79 25.39 31.28
N GLU A 204 -4.12 26.16 30.25
CA GLU A 204 -5.50 26.26 29.80
C GLU A 204 -6.00 25.05 29.01
N TYR A 205 -5.16 24.04 28.83
CA TYR A 205 -5.55 22.89 28.03
C TYR A 205 -5.65 21.53 28.72
N ASP A 206 -6.63 20.75 28.27
CA ASP A 206 -6.87 19.41 28.78
C ASP A 206 -6.09 18.39 27.96
N ILE A 207 -5.93 18.69 26.68
CA ILE A 207 -5.20 17.80 25.76
C ILE A 207 -4.23 18.61 24.92
N ILE A 208 -2.98 18.18 24.88
CA ILE A 208 -1.95 18.85 24.10
C ILE A 208 -1.42 17.87 23.05
N ILE A 209 -1.53 18.26 21.79
CA ILE A 209 -1.13 17.39 20.68
C ILE A 209 0.01 17.90 19.79
N ASN A 210 1.13 17.18 19.78
CA ASN A 210 2.22 17.58 18.90
C ASN A 210 2.06 16.92 17.53
N THR A 211 2.07 17.72 16.46
CA THR A 211 1.97 17.17 15.11
C THR A 211 3.24 17.48 14.32
N THR A 212 4.17 18.19 14.96
CA THR A 212 5.42 18.53 14.32
C THR A 212 6.32 17.30 14.41
N SER A 213 7.48 17.36 13.77
CA SER A 213 8.42 16.25 13.80
C SER A 213 9.54 16.56 14.79
N VAL A 214 9.38 17.66 15.53
CA VAL A 214 10.36 18.06 16.53
C VAL A 214 10.42 16.96 17.58
N GLY A 215 11.61 16.42 17.79
CA GLY A 215 11.77 15.34 18.77
C GLY A 215 11.82 13.98 18.12
N MET A 216 11.57 13.96 16.81
CA MET A 216 11.59 12.71 16.07
C MET A 216 13.01 12.32 15.69
N HIS A 217 13.18 11.03 15.40
CA HIS A 217 14.48 10.49 15.02
C HIS A 217 15.02 11.25 13.80
N PRO A 218 16.32 11.59 13.80
CA PRO A 218 17.31 11.30 14.84
C PRO A 218 17.49 12.45 15.85
N ARG A 219 17.00 13.63 15.50
CA ARG A 219 17.12 14.80 16.39
C ARG A 219 16.15 14.64 17.56
N VAL A 220 16.53 13.79 18.51
CA VAL A 220 15.72 13.47 19.67
C VAL A 220 15.77 14.39 20.90
N GLU A 221 16.90 15.03 21.15
CA GLU A 221 17.02 15.89 22.32
C GLU A 221 16.32 17.25 22.30
N VAL A 222 15.29 17.40 21.47
CA VAL A 222 14.57 18.67 21.41
C VAL A 222 13.06 18.45 21.56
N GLN A 223 12.36 19.49 22.01
CA GLN A 223 10.92 19.40 22.23
C GLN A 223 10.09 20.40 21.44
N PRO A 224 8.86 20.02 21.09
CA PRO A 224 7.96 20.90 20.33
C PRO A 224 7.77 22.22 21.06
N LEU A 225 7.56 22.14 22.38
CA LEU A 225 7.39 23.34 23.19
C LEU A 225 7.55 23.01 24.68
N SER A 226 7.80 24.05 25.48
CA SER A 226 8.01 23.90 26.91
C SER A 226 6.75 23.50 27.67
N LEU A 227 6.90 22.48 28.51
CA LEU A 227 5.79 21.97 29.31
C LEU A 227 5.78 22.60 30.70
N GLU A 228 6.60 23.63 30.88
CA GLU A 228 6.69 24.32 32.17
C GLU A 228 5.35 24.55 32.86
N ARG A 229 4.37 25.09 32.14
CA ARG A 229 3.07 25.37 32.74
C ARG A 229 2.04 24.27 32.56
N LEU A 230 2.51 23.06 32.31
CA LEU A 230 1.60 21.93 32.14
C LEU A 230 0.94 21.54 33.45
N ARG A 231 -0.36 21.26 33.42
CA ARG A 231 -1.09 20.85 34.62
C ARG A 231 -1.01 19.33 34.77
N PRO A 232 -1.00 18.83 36.01
CA PRO A 232 -0.93 17.39 36.24
C PRO A 232 -2.22 16.66 35.87
N GLY A 233 -2.09 15.45 35.33
CA GLY A 233 -3.26 14.69 34.96
C GLY A 233 -3.88 14.98 33.60
N VAL A 234 -3.35 15.98 32.89
CA VAL A 234 -3.89 16.29 31.56
C VAL A 234 -3.29 15.29 30.57
N ILE A 235 -3.76 15.32 29.33
CA ILE A 235 -3.23 14.40 28.33
C ILE A 235 -2.26 15.08 27.38
N VAL A 236 -1.10 14.46 27.19
CA VAL A 236 -0.10 14.98 26.26
C VAL A 236 0.04 13.91 25.18
N SER A 237 -0.41 14.27 23.97
CA SER A 237 -0.39 13.37 22.83
C SER A 237 0.62 13.80 21.76
N ASP A 238 1.51 12.88 21.40
CA ASP A 238 2.53 13.14 20.40
C ASP A 238 2.32 12.10 19.29
N ILE A 239 2.17 12.54 18.04
CA ILE A 239 1.93 11.57 16.97
C ILE A 239 3.21 10.88 16.53
N ILE A 240 4.35 11.34 17.04
CA ILE A 240 5.62 10.72 16.71
C ILE A 240 5.63 9.32 17.35
N TYR A 241 6.17 8.34 16.64
CA TYR A 241 6.25 6.98 17.18
C TYR A 241 7.66 6.41 17.04
N ASN A 242 8.57 7.24 16.57
CA ASN A 242 9.97 6.87 16.42
C ASN A 242 10.77 8.09 16.85
N PRO A 243 11.30 8.08 18.08
CA PRO A 243 11.20 7.02 19.10
C PRO A 243 9.80 6.75 19.65
N LEU A 244 9.65 5.60 20.28
CA LEU A 244 8.37 5.21 20.88
C LEU A 244 8.01 6.15 22.02
N GLU A 245 9.00 6.90 22.49
CA GLU A 245 8.82 7.88 23.55
C GLU A 245 9.80 9.03 23.36
N THR A 246 9.28 10.16 22.89
CA THR A 246 10.11 11.34 22.67
C THR A 246 10.50 11.98 23.99
N LYS A 247 11.50 12.86 23.94
CA LYS A 247 11.95 13.56 25.13
C LYS A 247 10.72 14.28 25.72
N TRP A 248 9.91 14.83 24.82
CA TRP A 248 8.70 15.56 25.18
C TRP A 248 7.74 14.71 26.00
N LEU A 249 7.39 13.53 25.50
CA LEU A 249 6.48 12.65 26.22
C LEU A 249 7.03 12.23 27.58
N LYS A 250 8.32 11.92 27.62
CA LYS A 250 8.96 11.49 28.85
C LYS A 250 8.82 12.57 29.92
N GLU A 251 9.14 13.81 29.57
CA GLU A 251 9.03 14.91 30.51
C GLU A 251 7.59 15.14 30.94
N ALA A 252 6.65 14.91 30.03
CA ALA A 252 5.25 15.12 30.37
C ALA A 252 4.82 14.09 31.40
N LYS A 253 5.30 12.85 31.25
CA LYS A 253 4.97 11.78 32.17
C LYS A 253 5.50 12.16 33.55
N ALA A 254 6.74 12.66 33.58
CA ALA A 254 7.38 13.07 34.83
C ALA A 254 6.59 14.19 35.51
N ARG A 255 5.93 15.00 34.70
CA ARG A 255 5.12 16.11 35.23
C ARG A 255 3.72 15.65 35.58
N GLY A 256 3.52 14.34 35.61
CA GLY A 256 2.21 13.80 35.98
C GLY A 256 1.13 13.82 34.92
N ALA A 257 1.53 13.84 33.66
CA ALA A 257 0.54 13.85 32.58
C ALA A 257 0.28 12.43 32.08
N ARG A 258 -0.89 12.25 31.47
CA ARG A 258 -1.23 10.96 30.87
C ARG A 258 -0.62 11.12 29.48
N VAL A 259 0.11 10.12 29.00
CA VAL A 259 0.73 10.24 27.68
C VAL A 259 0.29 9.22 26.62
N GLN A 260 0.56 9.56 25.36
CA GLN A 260 0.22 8.75 24.20
C GLN A 260 1.15 9.07 23.04
N ASN A 261 1.75 8.04 22.42
CA ASN A 261 2.61 8.29 21.26
C ASN A 261 1.75 8.06 20.03
N GLY A 262 2.36 8.11 18.85
CA GLY A 262 1.61 7.96 17.61
C GLY A 262 1.28 6.55 17.09
N VAL A 263 1.72 5.51 17.79
CA VAL A 263 1.45 4.16 17.34
C VAL A 263 -0.02 3.93 17.01
N GLY A 264 -0.89 4.40 17.91
CA GLY A 264 -2.32 4.26 17.71
C GLY A 264 -2.81 4.90 16.44
N MET A 265 -2.38 6.13 16.17
CA MET A 265 -2.80 6.83 14.96
C MET A 265 -2.40 6.01 13.74
N LEU A 266 -1.14 5.58 13.72
CA LEU A 266 -0.64 4.79 12.61
C LEU A 266 -1.54 3.57 12.40
N VAL A 267 -1.84 2.86 13.49
CA VAL A 267 -2.67 1.66 13.40
C VAL A 267 -4.09 1.94 12.91
N TYR A 268 -4.74 2.93 13.51
CA TYR A 268 -6.10 3.25 13.09
C TYR A 268 -6.18 3.78 11.67
N GLN A 269 -5.09 4.41 11.20
CA GLN A 269 -5.07 4.89 9.83
C GLN A 269 -5.17 3.65 8.95
N GLY A 270 -4.42 2.62 9.33
CA GLY A 270 -4.42 1.37 8.59
C GLY A 270 -5.76 0.65 8.67
N ALA A 271 -6.32 0.58 9.86
CA ALA A 271 -7.59 -0.09 10.09
C ALA A 271 -8.72 0.55 9.29
N LEU A 272 -8.80 1.88 9.30
CA LEU A 272 -9.84 2.58 8.55
C LEU A 272 -9.77 2.30 7.05
N ALA A 273 -8.56 2.25 6.50
CA ALA A 273 -8.39 1.96 5.06
C ALA A 273 -8.78 0.52 4.82
N PHE A 274 -8.35 -0.35 5.73
CA PHE A 274 -8.64 -1.78 5.66
C PHE A 274 -10.16 -2.02 5.63
N GLU A 275 -10.86 -1.36 6.55
CA GLU A 275 -12.31 -1.50 6.64
C GLU A 275 -12.98 -0.92 5.41
N LYS A 276 -12.44 0.18 4.91
CA LYS A 276 -13.00 0.83 3.74
C LYS A 276 -12.93 -0.16 2.57
N TRP A 277 -11.81 -0.88 2.47
CA TRP A 277 -11.59 -1.85 1.40
C TRP A 277 -12.35 -3.17 1.52
N THR A 278 -12.29 -3.78 2.70
CA THR A 278 -12.90 -5.08 2.95
C THR A 278 -14.29 -5.09 3.57
N GLY A 279 -14.63 -4.04 4.31
CA GLY A 279 -15.92 -4.01 4.96
C GLY A 279 -15.80 -4.64 6.34
N GLN A 280 -14.58 -5.01 6.71
CA GLN A 280 -14.33 -5.61 8.02
C GLN A 280 -13.32 -4.79 8.82
N TRP A 281 -13.57 -4.66 10.12
CA TRP A 281 -12.68 -3.91 11.00
C TRP A 281 -11.63 -4.89 11.53
N PRO A 282 -10.34 -4.66 11.25
CA PRO A 282 -9.31 -5.57 11.73
C PRO A 282 -9.04 -5.46 13.23
N ASP A 283 -8.29 -6.41 13.75
CA ASP A 283 -7.93 -6.43 15.16
C ASP A 283 -6.82 -5.41 15.38
N VAL A 284 -7.18 -4.23 15.88
CA VAL A 284 -6.17 -3.19 16.09
C VAL A 284 -5.13 -3.55 17.15
N ASN A 285 -5.53 -4.25 18.20
CA ASN A 285 -4.56 -4.62 19.24
C ASN A 285 -3.48 -5.50 18.61
N ARG A 286 -3.91 -6.43 17.75
CA ARG A 286 -2.98 -7.29 17.05
C ARG A 286 -2.08 -6.42 16.16
N MET A 287 -2.69 -5.44 15.48
CA MET A 287 -1.91 -4.56 14.62
C MET A 287 -0.91 -3.77 15.44
N LYS A 288 -1.32 -3.27 16.61
CA LYS A 288 -0.40 -2.52 17.47
C LYS A 288 0.76 -3.41 17.89
N GLN A 289 0.44 -4.61 18.34
CA GLN A 289 1.43 -5.58 18.77
C GLN A 289 2.53 -5.76 17.73
N LEU A 290 2.14 -6.02 16.48
CA LEU A 290 3.11 -6.21 15.39
C LEU A 290 3.91 -4.94 15.13
N VAL A 291 3.22 -3.80 15.10
CA VAL A 291 3.85 -2.51 14.87
C VAL A 291 4.91 -2.21 15.93
N ILE A 292 4.52 -2.31 17.19
CA ILE A 292 5.46 -2.04 18.27
C ILE A 292 6.69 -2.92 18.17
N GLU A 293 6.47 -4.22 17.92
CA GLU A 293 7.59 -5.15 17.80
C GLU A 293 8.53 -4.70 16.68
N ALA A 294 7.95 -4.35 15.53
CA ALA A 294 8.76 -3.92 14.39
C ALA A 294 9.56 -2.68 14.74
N LEU A 295 8.94 -1.77 15.48
CA LEU A 295 9.61 -0.53 15.88
C LEU A 295 10.72 -0.77 16.90
N ARG A 296 10.46 -1.66 17.87
CA ARG A 296 11.45 -1.97 18.91
C ARG A 296 12.61 -2.79 18.36
N ARG A 297 12.41 -3.40 17.21
CA ARG A 297 13.44 -4.21 16.58
C ARG A 297 14.61 -3.34 16.15
N HIS B 21 10.91 -8.36 4.39
CA HIS B 21 11.49 -7.86 3.11
C HIS B 21 10.37 -7.45 2.15
N MET B 22 10.70 -6.60 1.19
CA MET B 22 9.75 -6.13 0.20
C MET B 22 9.61 -7.13 -0.93
N GLU B 23 8.47 -7.78 -1.03
CA GLU B 23 8.32 -8.76 -2.11
C GLU B 23 8.04 -8.09 -3.44
N LYS B 24 8.57 -8.69 -4.49
CA LYS B 24 8.37 -8.20 -5.84
C LYS B 24 7.02 -8.73 -6.32
N VAL B 25 6.41 -8.02 -7.25
CA VAL B 25 5.12 -8.41 -7.77
C VAL B 25 5.20 -8.95 -9.19
N TYR B 26 4.51 -10.07 -9.41
CA TYR B 26 4.40 -10.69 -10.72
C TYR B 26 2.93 -11.05 -10.87
N GLY B 27 2.55 -11.48 -12.07
CA GLY B 27 1.16 -11.87 -12.25
C GLY B 27 0.83 -12.20 -13.68
N LEU B 28 -0.43 -12.51 -13.93
CA LEU B 28 -0.91 -12.84 -15.25
C LEU B 28 -1.87 -11.79 -15.80
N ILE B 29 -1.59 -11.32 -17.00
CA ILE B 29 -2.46 -10.34 -17.65
C ILE B 29 -3.26 -11.09 -18.71
N GLY B 30 -4.58 -10.94 -18.66
CA GLY B 30 -5.44 -11.60 -19.62
C GLY B 30 -6.88 -11.26 -19.35
N PHE B 31 -7.80 -11.87 -20.09
CA PHE B 31 -9.22 -11.60 -19.92
C PHE B 31 -10.02 -12.74 -20.53
N PRO B 32 -10.54 -13.66 -19.70
CA PRO B 32 -10.45 -13.71 -18.23
C PRO B 32 -9.16 -14.36 -17.72
N VAL B 33 -8.96 -14.32 -16.41
CA VAL B 33 -7.78 -14.90 -15.77
C VAL B 33 -8.12 -15.51 -14.41
N GLU B 34 -9.32 -15.22 -13.90
CA GLU B 34 -9.71 -15.69 -12.57
C GLU B 34 -9.51 -17.16 -12.21
N HIS B 35 -9.52 -18.05 -13.18
CA HIS B 35 -9.36 -19.47 -12.87
C HIS B 35 -7.99 -20.02 -13.19
N SER B 36 -7.07 -19.13 -13.55
CA SER B 36 -5.70 -19.52 -13.86
C SER B 36 -5.11 -20.27 -12.68
N LEU B 37 -4.18 -21.17 -12.96
CA LEU B 37 -3.53 -21.95 -11.93
C LEU B 37 -2.09 -21.51 -11.79
N SER B 38 -1.70 -20.51 -12.57
CA SER B 38 -0.35 -19.98 -12.53
C SER B 38 0.01 -19.47 -11.14
N PRO B 39 -0.93 -18.80 -10.45
CA PRO B 39 -0.57 -18.32 -9.11
C PRO B 39 -0.21 -19.50 -8.20
N LEU B 40 -1.03 -20.55 -8.26
CA LEU B 40 -0.79 -21.75 -7.45
C LEU B 40 0.62 -22.29 -7.62
N MET B 41 1.01 -22.55 -8.86
CA MET B 41 2.34 -23.09 -9.09
C MET B 41 3.48 -22.11 -8.85
N HIS B 42 3.33 -20.87 -9.32
CA HIS B 42 4.38 -19.86 -9.15
C HIS B 42 4.62 -19.50 -7.69
N ASN B 43 3.54 -19.30 -6.93
CA ASN B 43 3.70 -18.93 -5.53
C ASN B 43 4.36 -20.05 -4.71
N ASP B 44 4.03 -21.30 -5.02
CA ASP B 44 4.62 -22.42 -4.30
C ASP B 44 6.10 -22.50 -4.66
N ALA B 45 6.43 -22.18 -5.90
CA ALA B 45 7.80 -22.20 -6.37
C ALA B 45 8.62 -21.06 -5.76
N PHE B 46 8.02 -19.89 -5.60
CA PHE B 46 8.71 -18.73 -5.00
C PHE B 46 9.11 -19.09 -3.57
N ALA B 47 8.14 -19.59 -2.82
CA ALA B 47 8.33 -19.98 -1.42
C ALA B 47 9.38 -21.08 -1.29
N ARG B 48 9.27 -22.10 -2.13
CA ARG B 48 10.20 -23.21 -2.09
C ARG B 48 11.63 -22.72 -2.27
N LEU B 49 11.81 -21.69 -3.07
CA LEU B 49 13.17 -21.18 -3.31
C LEU B 49 13.51 -19.94 -2.49
N GLY B 50 12.68 -19.63 -1.50
CA GLY B 50 12.93 -18.48 -0.65
C GLY B 50 12.98 -17.16 -1.41
N ILE B 51 12.15 -17.02 -2.44
CA ILE B 51 12.12 -15.79 -3.22
C ILE B 51 10.98 -14.90 -2.75
N PRO B 52 11.32 -13.72 -2.20
CA PRO B 52 10.31 -12.77 -1.72
C PRO B 52 9.52 -12.17 -2.87
N ALA B 53 8.40 -12.81 -3.20
CA ALA B 53 7.56 -12.36 -4.29
C ALA B 53 6.22 -13.10 -4.28
N ARG B 54 5.26 -12.58 -5.02
CA ARG B 54 3.96 -13.21 -5.14
C ARG B 54 3.41 -12.96 -6.54
N TYR B 55 2.72 -13.96 -7.06
CA TYR B 55 2.14 -13.92 -8.39
C TYR B 55 0.65 -13.65 -8.27
N HIS B 56 0.18 -12.65 -9.00
CA HIS B 56 -1.23 -12.28 -8.94
C HIS B 56 -1.97 -12.38 -10.27
N LEU B 57 -3.29 -12.16 -10.22
CA LEU B 57 -4.11 -12.23 -11.42
C LEU B 57 -4.62 -10.84 -11.76
N PHE B 58 -4.34 -10.40 -12.99
CA PHE B 58 -4.78 -9.09 -13.46
C PHE B 58 -5.73 -9.17 -14.65
N SER B 59 -7.01 -8.96 -14.39
CA SER B 59 -8.02 -9.00 -15.43
C SER B 59 -8.00 -7.68 -16.19
N VAL B 60 -7.43 -7.70 -17.38
CA VAL B 60 -7.32 -6.49 -18.20
C VAL B 60 -8.29 -6.49 -19.38
N GLU B 61 -9.21 -5.53 -19.37
CA GLU B 61 -10.17 -5.42 -20.46
C GLU B 61 -9.47 -4.99 -21.73
N PRO B 62 -9.94 -5.47 -22.89
CA PRO B 62 -9.28 -5.06 -24.13
C PRO B 62 -9.48 -3.54 -24.19
N GLY B 63 -8.46 -2.81 -24.62
CA GLY B 63 -8.60 -1.37 -24.67
C GLY B 63 -7.81 -0.71 -23.55
N GLN B 64 -7.53 -1.47 -22.49
CA GLN B 64 -6.75 -0.98 -21.35
C GLN B 64 -5.40 -1.68 -21.28
N VAL B 65 -5.06 -2.44 -22.32
CA VAL B 65 -3.81 -3.15 -22.37
C VAL B 65 -2.66 -2.16 -22.36
N GLY B 66 -2.83 -1.08 -23.13
CA GLY B 66 -1.79 -0.06 -23.18
C GLY B 66 -1.56 0.54 -21.80
N ALA B 67 -2.64 0.79 -21.07
CA ALA B 67 -2.54 1.37 -19.75
C ALA B 67 -2.00 0.33 -18.75
N ALA B 68 -2.34 -0.95 -18.96
CA ALA B 68 -1.86 -2.00 -18.06
C ALA B 68 -0.34 -2.14 -18.16
N ILE B 69 0.18 -2.14 -19.37
CA ILE B 69 1.62 -2.28 -19.57
C ILE B 69 2.38 -1.03 -19.08
N ALA B 70 1.84 0.15 -19.36
CA ALA B 70 2.49 1.38 -18.90
C ALA B 70 2.40 1.34 -17.39
N GLY B 71 1.32 0.74 -16.88
CA GLY B 71 1.13 0.63 -15.45
C GLY B 71 2.15 -0.28 -14.80
N VAL B 72 2.48 -1.38 -15.48
CA VAL B 72 3.47 -2.33 -14.98
C VAL B 72 4.80 -1.62 -14.75
N ARG B 73 5.23 -0.85 -15.73
CA ARG B 73 6.49 -0.11 -15.63
C ARG B 73 6.44 0.90 -14.48
N ALA B 74 5.40 1.73 -14.47
CA ALA B 74 5.25 2.78 -13.46
C ALA B 74 5.12 2.30 -12.02
N LEU B 75 4.47 1.16 -11.81
CA LEU B 75 4.29 0.65 -10.46
C LEU B 75 5.48 -0.20 -10.06
N GLY B 76 6.37 -0.47 -11.01
CA GLY B 76 7.53 -1.28 -10.71
C GLY B 76 7.23 -2.76 -10.56
N ILE B 77 6.18 -3.24 -11.20
CA ILE B 77 5.83 -4.66 -11.15
C ILE B 77 6.98 -5.38 -11.85
N ALA B 78 7.50 -6.43 -11.22
CA ALA B 78 8.67 -7.17 -11.73
C ALA B 78 8.52 -7.84 -13.09
N GLY B 79 7.36 -8.44 -13.35
CA GLY B 79 7.14 -9.10 -14.62
C GLY B 79 5.76 -9.71 -14.64
N VAL B 80 5.23 -9.95 -15.84
CA VAL B 80 3.89 -10.54 -15.98
C VAL B 80 3.85 -11.49 -17.16
N ASN B 81 2.97 -12.49 -17.07
CA ASN B 81 2.75 -13.44 -18.15
C ASN B 81 1.57 -12.82 -18.87
N VAL B 82 1.34 -13.22 -20.11
CA VAL B 82 0.22 -12.67 -20.87
C VAL B 82 -0.54 -13.80 -21.54
N THR B 83 -1.81 -13.93 -21.20
CA THR B 83 -2.62 -14.98 -21.80
C THR B 83 -3.71 -14.34 -22.66
N ILE B 84 -4.58 -15.18 -23.22
CA ILE B 84 -5.66 -14.69 -24.06
C ILE B 84 -6.45 -13.57 -23.41
N PRO B 85 -6.80 -12.53 -24.18
CA PRO B 85 -6.53 -12.34 -25.61
C PRO B 85 -5.57 -11.18 -25.87
N HIS B 86 -4.51 -11.07 -25.07
CA HIS B 86 -3.58 -9.96 -25.21
C HIS B 86 -2.18 -10.27 -25.69
N LYS B 87 -1.88 -11.54 -25.95
CA LYS B 87 -0.55 -11.92 -26.39
C LYS B 87 -0.01 -11.06 -27.54
N LEU B 88 -0.90 -10.65 -28.43
CA LEU B 88 -0.51 -9.82 -29.56
C LEU B 88 -0.57 -8.33 -29.16
N ALA B 89 -1.65 -7.97 -28.48
CA ALA B 89 -1.88 -6.59 -28.03
C ALA B 89 -0.78 -5.88 -27.24
N VAL B 90 -0.09 -6.60 -26.37
CA VAL B 90 0.95 -5.98 -25.54
C VAL B 90 2.22 -5.54 -26.26
N ILE B 91 2.47 -6.12 -27.43
CA ILE B 91 3.67 -5.84 -28.20
C ILE B 91 4.05 -4.39 -28.48
N PRO B 92 3.12 -3.57 -28.98
CA PRO B 92 3.43 -2.17 -29.27
C PRO B 92 3.84 -1.38 -28.03
N PHE B 93 3.54 -1.90 -26.86
CA PHE B 93 3.85 -1.19 -25.62
C PHE B 93 5.13 -1.62 -24.92
N LEU B 94 5.82 -2.60 -25.50
CA LEU B 94 7.06 -3.07 -24.90
C LEU B 94 8.23 -2.28 -25.47
N ASP B 95 9.35 -2.27 -24.75
CA ASP B 95 10.53 -1.55 -25.20
C ASP B 95 11.44 -2.43 -26.03
N GLU B 96 11.20 -3.73 -25.98
CA GLU B 96 12.00 -4.68 -26.74
C GLU B 96 11.25 -6.01 -26.83
N VAL B 97 11.30 -6.63 -27.99
CA VAL B 97 10.64 -7.93 -28.16
C VAL B 97 11.65 -8.92 -28.73
N ASP B 98 11.69 -10.12 -28.16
CA ASP B 98 12.60 -11.16 -28.61
C ASP B 98 12.28 -11.55 -30.05
N GLU B 99 13.33 -11.75 -30.85
CA GLU B 99 13.15 -12.11 -32.26
C GLU B 99 12.17 -13.26 -32.43
N HIS B 100 12.22 -14.23 -31.52
CA HIS B 100 11.31 -15.37 -31.59
C HIS B 100 9.87 -14.90 -31.41
N ALA B 101 9.64 -14.10 -30.36
CA ALA B 101 8.32 -13.56 -30.07
C ALA B 101 7.86 -12.67 -31.22
N ARG B 102 8.80 -11.89 -31.77
CA ARG B 102 8.45 -11.03 -32.90
C ARG B 102 7.86 -11.93 -33.97
N ARG B 103 8.67 -12.88 -34.43
CA ARG B 103 8.26 -13.83 -35.47
C ARG B 103 6.89 -14.42 -35.18
N ILE B 104 6.71 -14.94 -33.97
CA ILE B 104 5.43 -15.52 -33.59
C ILE B 104 4.36 -14.43 -33.64
N GLY B 105 4.78 -13.21 -33.33
CA GLY B 105 3.84 -12.09 -33.31
C GLY B 105 2.98 -12.20 -32.07
N ALA B 106 3.57 -12.72 -30.99
CA ALA B 106 2.84 -12.89 -29.74
C ALA B 106 3.79 -13.00 -28.55
N VAL B 107 3.37 -12.42 -27.42
CA VAL B 107 4.17 -12.45 -26.19
C VAL B 107 3.37 -13.03 -25.04
N ASN B 108 3.97 -13.94 -24.29
CA ASN B 108 3.27 -14.54 -23.15
C ASN B 108 4.07 -14.27 -21.89
N THR B 109 5.24 -13.65 -22.06
CA THR B 109 6.10 -13.35 -20.92
C THR B 109 6.79 -12.00 -21.05
N ILE B 110 6.66 -11.19 -20.00
CA ILE B 110 7.27 -9.86 -19.96
C ILE B 110 8.10 -9.71 -18.70
N ILE B 111 9.26 -9.09 -18.83
CA ILE B 111 10.10 -8.85 -17.67
C ILE B 111 10.41 -7.36 -17.62
N ASN B 112 10.41 -6.79 -16.42
CA ASN B 112 10.69 -5.37 -16.26
C ASN B 112 12.10 -5.17 -15.73
N ASN B 113 13.01 -4.75 -16.59
CA ASN B 113 14.38 -4.53 -16.15
C ASN B 113 14.61 -3.05 -15.85
N ASP B 114 14.41 -2.67 -14.59
CA ASP B 114 14.60 -1.30 -14.14
C ASP B 114 13.87 -0.28 -15.04
N GLY B 115 12.67 -0.62 -15.48
CA GLY B 115 11.91 0.27 -16.32
C GLY B 115 11.81 -0.14 -17.78
N ARG B 116 12.74 -0.98 -18.25
CA ARG B 116 12.72 -1.43 -19.63
C ARG B 116 11.96 -2.75 -19.70
N LEU B 117 10.88 -2.78 -20.49
CA LEU B 117 10.06 -3.97 -20.60
C LEU B 117 10.43 -4.79 -21.83
N VAL B 118 10.78 -6.05 -21.61
CA VAL B 118 11.18 -6.96 -22.69
C VAL B 118 10.18 -8.10 -22.82
N GLY B 119 9.72 -8.37 -24.05
CA GLY B 119 8.75 -9.42 -24.27
C GLY B 119 9.34 -10.70 -24.84
N TYR B 120 8.85 -11.83 -24.34
CA TYR B 120 9.32 -13.15 -24.75
C TYR B 120 8.11 -14.05 -24.94
N ASN B 121 8.31 -15.19 -25.58
CA ASN B 121 7.23 -16.15 -25.78
C ASN B 121 7.78 -17.53 -25.44
N THR B 122 7.33 -18.08 -24.32
CA THR B 122 7.79 -19.38 -23.86
C THR B 122 6.78 -20.49 -24.09
N ASP B 123 5.71 -20.18 -24.81
CA ASP B 123 4.69 -21.19 -25.09
C ASP B 123 5.22 -22.33 -25.94
N GLY B 124 5.94 -21.97 -27.01
CA GLY B 124 6.49 -22.97 -27.90
C GLY B 124 7.55 -23.84 -27.24
N LEU B 125 8.66 -23.22 -26.86
CA LEU B 125 9.75 -23.94 -26.20
C LEU B 125 9.18 -24.81 -25.09
N GLY B 126 8.17 -24.28 -24.42
CA GLY B 126 7.55 -25.01 -23.33
C GLY B 126 6.85 -26.28 -23.75
N TYR B 127 6.14 -26.22 -24.88
CA TYR B 127 5.45 -27.39 -25.39
C TYR B 127 6.47 -28.46 -25.77
N VAL B 128 7.50 -28.03 -26.50
CA VAL B 128 8.57 -28.91 -26.94
C VAL B 128 9.22 -29.65 -25.78
N GLN B 129 9.78 -28.88 -24.85
CA GLN B 129 10.46 -29.46 -23.70
C GLN B 129 9.60 -30.42 -22.90
N ALA B 130 8.35 -30.05 -22.66
CA ALA B 130 7.44 -30.90 -21.91
C ALA B 130 7.14 -32.18 -22.67
N LEU B 131 7.16 -32.08 -23.99
CA LEU B 131 6.88 -33.24 -24.84
C LEU B 131 7.98 -34.29 -24.73
N GLU B 132 9.20 -33.91 -25.09
CA GLU B 132 10.34 -34.82 -25.05
C GLU B 132 10.70 -35.33 -23.65
N GLU B 133 10.23 -34.63 -22.61
CA GLU B 133 10.53 -35.06 -21.26
C GLU B 133 9.42 -35.97 -20.73
N GLU B 134 8.19 -35.65 -21.07
CA GLU B 134 7.04 -36.46 -20.62
C GLU B 134 6.93 -37.76 -21.42
N MET B 135 7.33 -37.69 -22.68
CA MET B 135 7.27 -38.84 -23.57
C MET B 135 8.64 -39.54 -23.64
N ASN B 136 9.65 -38.84 -23.13
CA ASN B 136 11.02 -39.35 -23.15
C ASN B 136 11.39 -39.73 -24.58
N ILE B 137 11.29 -38.75 -25.47
CA ILE B 137 11.60 -38.96 -26.87
C ILE B 137 12.37 -37.75 -27.40
N THR B 138 12.78 -37.82 -28.66
CA THR B 138 13.50 -36.73 -29.29
C THR B 138 12.77 -36.41 -30.58
N LEU B 139 12.54 -35.12 -30.83
CA LEU B 139 11.82 -34.71 -32.03
C LEU B 139 12.48 -35.21 -33.31
N ASP B 140 13.78 -35.46 -33.25
CA ASP B 140 14.50 -35.96 -34.43
C ASP B 140 13.97 -37.34 -34.78
N GLY B 141 12.79 -37.38 -35.39
CA GLY B 141 12.17 -38.64 -35.78
C GLY B 141 11.26 -38.40 -36.95
N LYS B 142 10.36 -37.44 -36.80
CA LYS B 142 9.43 -37.07 -37.86
C LYS B 142 9.74 -35.63 -38.22
N ARG B 143 10.86 -35.14 -37.67
CA ARG B 143 11.32 -33.78 -37.89
C ARG B 143 12.00 -33.64 -39.25
N SER B 237 -0.42 -35.08 -28.97
CA SER B 237 -0.80 -34.58 -27.65
C SER B 237 -1.77 -33.43 -27.76
N ASP B 238 -2.61 -33.26 -26.74
CA ASP B 238 -3.60 -32.20 -26.70
C ASP B 238 -3.21 -31.15 -25.67
N ILE B 239 -2.92 -29.93 -26.13
CA ILE B 239 -2.51 -28.86 -25.22
C ILE B 239 -3.61 -28.47 -24.25
N ILE B 240 -4.80 -29.01 -24.46
CA ILE B 240 -5.93 -28.73 -23.59
C ILE B 240 -5.75 -29.55 -22.33
N TYR B 241 -5.83 -28.89 -21.17
CA TYR B 241 -5.64 -29.58 -19.89
C TYR B 241 -6.89 -29.46 -19.02
N ASN B 242 -7.97 -28.96 -19.62
CA ASN B 242 -9.22 -28.79 -18.89
C ASN B 242 -10.37 -28.58 -19.87
N GLN B 260 -1.27 -37.06 -24.19
CA GLN B 260 -0.64 -36.11 -23.29
C GLN B 260 -1.53 -34.91 -23.01
N ASN B 261 -1.45 -34.40 -21.79
CA ASN B 261 -2.23 -33.23 -21.38
C ASN B 261 -1.50 -31.98 -21.81
N GLY B 262 -2.14 -30.84 -21.57
CA GLY B 262 -1.52 -29.57 -21.89
C GLY B 262 -0.79 -29.16 -20.62
N VAL B 263 -1.04 -29.90 -19.54
CA VAL B 263 -0.41 -29.64 -18.25
C VAL B 263 1.08 -29.46 -18.37
N GLY B 264 1.75 -30.44 -18.95
CA GLY B 264 3.19 -30.34 -19.12
C GLY B 264 3.57 -29.03 -19.75
N MET B 265 2.77 -28.58 -20.72
CA MET B 265 3.04 -27.33 -21.41
C MET B 265 2.81 -26.12 -20.50
N LEU B 266 1.68 -26.13 -19.80
CA LEU B 266 1.35 -25.04 -18.89
C LEU B 266 2.50 -24.83 -17.92
N VAL B 267 2.94 -25.93 -17.32
CA VAL B 267 4.02 -25.90 -16.35
C VAL B 267 5.35 -25.46 -16.93
N TYR B 268 5.76 -26.05 -18.04
CA TYR B 268 7.04 -25.69 -18.64
C TYR B 268 7.13 -24.26 -19.16
N GLN B 269 6.07 -23.74 -19.75
CA GLN B 269 6.13 -22.38 -20.26
C GLN B 269 6.24 -21.45 -19.06
N GLY B 270 5.55 -21.81 -17.98
CA GLY B 270 5.60 -21.01 -16.77
C GLY B 270 6.99 -21.05 -16.16
N ALA B 271 7.57 -22.25 -16.11
CA ALA B 271 8.90 -22.45 -15.55
C ALA B 271 9.97 -21.67 -16.32
N LEU B 272 9.84 -21.63 -17.64
CA LEU B 272 10.80 -20.88 -18.46
C LEU B 272 10.68 -19.40 -18.10
N ALA B 273 9.45 -18.95 -17.88
CA ALA B 273 9.20 -17.56 -17.51
C ALA B 273 9.77 -17.33 -16.11
N PHE B 274 9.56 -18.29 -15.23
CA PHE B 274 10.06 -18.21 -13.85
C PHE B 274 11.58 -18.09 -13.87
N GLU B 275 12.22 -18.88 -14.73
CA GLU B 275 13.68 -18.85 -14.82
C GLU B 275 14.17 -17.50 -15.37
N LYS B 276 13.43 -16.93 -16.32
CA LYS B 276 13.84 -15.64 -16.87
C LYS B 276 13.78 -14.56 -15.79
N TRP B 277 12.72 -14.59 -14.99
CA TRP B 277 12.54 -13.60 -13.93
C TRP B 277 13.52 -13.74 -12.76
N THR B 278 13.64 -14.96 -12.24
CA THR B 278 14.47 -15.24 -11.07
C THR B 278 15.86 -15.79 -11.34
N GLY B 279 16.03 -16.43 -12.48
CA GLY B 279 17.33 -17.01 -12.81
C GLY B 279 17.47 -18.40 -12.22
N GLN B 280 16.37 -18.92 -11.69
CA GLN B 280 16.34 -20.25 -11.09
C GLN B 280 15.30 -21.14 -11.74
N TRP B 281 15.69 -22.35 -12.13
CA TRP B 281 14.76 -23.27 -12.75
C TRP B 281 13.99 -23.97 -11.64
N PRO B 282 12.67 -23.80 -11.60
CA PRO B 282 11.81 -24.41 -10.59
C PRO B 282 11.55 -25.91 -10.76
N ASP B 283 11.11 -26.54 -9.68
CA ASP B 283 10.80 -27.97 -9.70
C ASP B 283 9.50 -28.17 -10.47
N VAL B 284 9.60 -28.60 -11.72
CA VAL B 284 8.43 -28.81 -12.55
C VAL B 284 7.53 -29.94 -12.10
N ASN B 285 8.13 -30.97 -11.49
CA ASN B 285 7.32 -32.09 -11.02
C ASN B 285 6.36 -31.62 -9.95
N ARG B 286 6.83 -30.73 -9.08
CA ARG B 286 6.02 -30.17 -8.00
C ARG B 286 4.92 -29.29 -8.61
N MET B 287 5.28 -28.50 -9.62
CA MET B 287 4.31 -27.64 -10.29
C MET B 287 3.21 -28.50 -10.92
N LYS B 288 3.61 -29.55 -11.65
CA LYS B 288 2.66 -30.46 -12.27
C LYS B 288 1.75 -31.07 -11.22
N GLN B 289 2.35 -31.55 -10.15
CA GLN B 289 1.61 -32.18 -9.06
C GLN B 289 0.53 -31.25 -8.52
N LEU B 290 0.87 -29.99 -8.26
CA LEU B 290 -0.10 -29.04 -7.74
C LEU B 290 -1.21 -28.79 -8.78
N VAL B 291 -0.82 -28.60 -10.04
CA VAL B 291 -1.77 -28.37 -11.11
C VAL B 291 -2.77 -29.51 -11.17
N ILE B 292 -2.28 -30.70 -11.50
CA ILE B 292 -3.12 -31.88 -11.61
C ILE B 292 -4.09 -31.99 -10.44
N GLU B 293 -3.54 -32.00 -9.23
CA GLU B 293 -4.36 -32.09 -8.03
C GLU B 293 -5.53 -31.10 -8.04
N ALA B 294 -5.27 -29.88 -8.50
CA ALA B 294 -6.29 -28.84 -8.56
C ALA B 294 -7.29 -29.07 -9.69
N LEU B 295 -6.80 -29.49 -10.85
CA LEU B 295 -7.68 -29.74 -11.99
C LEU B 295 -8.65 -30.88 -11.67
N ARG B 296 -8.34 -31.64 -10.64
CA ARG B 296 -9.19 -32.76 -10.23
C ARG B 296 -10.16 -32.35 -9.13
#